data_6R96
#
_entry.id   6R96
#
_entity_poly.entity_id   1
_entity_poly.type   'polypeptide(L)'
_entity_poly.pdbx_seq_one_letter_code
;FLPILASLAAKFGPKLF(ABA)LVTKK(ABA)
;
_entity_poly.pdbx_strand_id   A
#
# COMPACT_ATOMS: atom_id res chain seq x y z
N PHE A 1 -8.58 2.71 7.38
CA PHE A 1 -7.42 2.82 8.24
C PHE A 1 -6.42 3.77 7.61
N LEU A 2 -5.99 4.78 8.39
CA LEU A 2 -5.17 5.89 7.92
C LEU A 2 -5.94 6.79 6.96
N PRO A 3 -5.54 8.04 6.71
CA PRO A 3 -5.84 8.66 5.43
C PRO A 3 -5.13 7.95 4.28
N ILE A 4 -5.09 8.56 3.09
CA ILE A 4 -4.64 7.97 1.84
C ILE A 4 -3.30 7.26 1.84
N LEU A 5 -2.36 7.65 2.72
CA LEU A 5 -1.06 7.03 2.96
C LEU A 5 -0.96 5.51 2.86
N ALA A 6 -1.90 4.75 3.44
CA ALA A 6 -1.96 3.30 3.29
C ALA A 6 -2.19 2.85 1.85
N SER A 7 -3.14 3.48 1.15
CA SER A 7 -3.37 3.32 -0.28
C SER A 7 -2.26 3.86 -1.15
N LEU A 8 -1.56 4.92 -0.73
CA LEU A 8 -0.37 5.39 -1.40
C LEU A 8 0.79 4.42 -1.32
N ALA A 9 0.98 3.75 -0.16
CA ALA A 9 1.91 2.65 -0.01
C ALA A 9 1.56 1.51 -0.96
N ALA A 10 0.25 1.20 -1.08
CA ALA A 10 -0.27 0.25 -2.04
C ALA A 10 -0.03 0.59 -3.52
N LYS A 11 -0.24 1.85 -3.92
CA LYS A 11 -0.17 2.26 -5.32
C LYS A 11 1.23 2.58 -5.80
N PHE A 12 2.04 3.27 -4.98
CA PHE A 12 3.39 3.63 -5.37
C PHE A 12 4.36 2.53 -5.05
N GLY A 13 3.95 1.63 -4.15
CA GLY A 13 4.57 0.35 -3.99
C GLY A 13 3.69 -0.74 -4.52
N PRO A 14 3.68 -1.12 -5.80
CA PRO A 14 3.22 -2.44 -6.21
C PRO A 14 4.09 -3.51 -5.57
N LYS A 15 5.37 -3.15 -5.29
CA LYS A 15 6.23 -3.89 -4.40
C LYS A 15 5.66 -3.99 -2.98
N LEU A 16 5.21 -2.85 -2.41
CA LEU A 16 4.64 -2.79 -1.08
C LEU A 16 3.29 -3.46 -0.96
N PHE A 17 2.33 -3.30 -1.89
CA PHE A 17 1.06 -4.00 -1.80
C PHE A 17 1.20 -5.51 -1.97
N LEU A 19 4.07 -7.12 -1.04
CA LEU A 19 4.79 -7.56 0.14
C LEU A 19 4.08 -7.30 1.46
N VAL A 20 3.79 -6.02 1.79
CA VAL A 20 3.25 -5.59 3.07
C VAL A 20 1.81 -6.03 3.25
N THR A 21 0.98 -5.84 2.20
CA THR A 21 -0.45 -6.12 2.31
C THR A 21 -0.77 -7.45 1.67
N LYS A 22 0.25 -8.12 1.10
CA LYS A 22 0.17 -9.44 0.51
C LYS A 22 -0.90 -9.60 -0.58
N LYS A 23 -1.01 -8.66 -1.52
CA LYS A 23 -2.06 -8.73 -2.53
C LYS A 23 -1.60 -9.33 -3.85
N PHE A 1 -2.45 10.07 9.07
CA PHE A 1 -3.63 9.76 9.84
C PHE A 1 -4.77 9.33 8.95
N LEU A 2 -4.82 9.84 7.71
CA LEU A 2 -5.66 9.35 6.63
C LEU A 2 -5.67 7.82 6.45
N PRO A 3 -6.74 7.17 6.00
CA PRO A 3 -6.75 5.70 5.94
C PRO A 3 -6.03 5.24 4.70
N ILE A 4 -5.94 6.13 3.68
CA ILE A 4 -5.25 5.92 2.42
C ILE A 4 -3.79 5.52 2.51
N LEU A 5 -3.11 5.70 3.64
CA LEU A 5 -1.70 5.35 3.80
C LEU A 5 -1.40 3.88 3.53
N ALA A 6 -2.29 2.97 3.99
CA ALA A 6 -2.25 1.57 3.62
C ALA A 6 -2.43 1.33 2.12
N SER A 7 -3.37 2.06 1.49
CA SER A 7 -3.58 2.05 0.05
C SER A 7 -2.42 2.60 -0.76
N LEU A 8 -1.76 3.66 -0.28
CA LEU A 8 -0.55 4.22 -0.85
C LEU A 8 0.63 3.27 -0.79
N ALA A 9 0.77 2.53 0.32
CA ALA A 9 1.72 1.44 0.45
C ALA A 9 1.51 0.37 -0.60
N ALA A 10 0.25 0.03 -0.92
CA ALA A 10 -0.07 -0.80 -2.06
C ALA A 10 0.21 -0.19 -3.43
N LYS A 11 -0.25 1.06 -3.65
CA LYS A 11 -0.21 1.71 -4.94
C LYS A 11 1.17 2.14 -5.39
N PHE A 12 1.98 2.72 -4.48
CA PHE A 12 3.33 3.13 -4.81
C PHE A 12 4.30 2.05 -4.47
N GLY A 13 3.82 1.01 -3.78
CA GLY A 13 4.55 -0.20 -3.57
C GLY A 13 3.84 -1.40 -4.11
N PRO A 14 3.77 -1.68 -5.42
CA PRO A 14 3.51 -3.03 -5.91
C PRO A 14 4.65 -3.94 -5.46
N LYS A 15 5.85 -3.36 -5.32
CA LYS A 15 6.99 -3.93 -4.63
C LYS A 15 6.70 -4.25 -3.16
N LEU A 16 6.06 -3.30 -2.42
CA LEU A 16 5.68 -3.51 -1.03
C LEU A 16 4.56 -4.53 -0.90
N PHE A 17 3.51 -4.44 -1.74
CA PHE A 17 2.29 -5.21 -1.56
C PHE A 17 2.40 -6.67 -1.95
N LEU A 19 4.70 -8.34 -0.41
CA LEU A 19 4.93 -8.78 0.96
C LEU A 19 3.74 -8.33 1.80
N VAL A 20 3.47 -7.00 1.86
CA VAL A 20 2.60 -6.30 2.80
C VAL A 20 1.16 -6.81 2.82
N THR A 21 0.59 -7.18 1.66
CA THR A 21 -0.70 -7.87 1.67
C THR A 21 -0.69 -8.93 0.59
N LYS A 22 0.52 -9.49 0.36
CA LYS A 22 0.87 -10.56 -0.56
C LYS A 22 0.09 -10.70 -1.86
N LYS A 23 0.07 -9.67 -2.71
CA LYS A 23 -0.66 -9.69 -3.97
C LYS A 23 0.22 -10.08 -5.14
N PHE A 1 -7.69 2.17 8.06
CA PHE A 1 -6.50 2.61 8.76
C PHE A 1 -5.80 3.66 7.96
N LEU A 2 -5.53 4.82 8.60
CA LEU A 2 -4.98 6.00 7.95
C LEU A 2 -5.98 6.65 7.00
N PRO A 3 -5.81 7.91 6.60
CA PRO A 3 -6.33 8.35 5.32
C PRO A 3 -5.59 7.68 4.15
N ILE A 4 -5.68 8.26 2.95
CA ILE A 4 -5.20 7.71 1.68
C ILE A 4 -3.78 7.20 1.65
N LEU A 5 -2.87 7.72 2.48
CA LEU A 5 -1.49 7.29 2.65
C LEU A 5 -1.24 5.78 2.67
N ALA A 6 -2.07 4.98 3.38
CA ALA A 6 -2.01 3.53 3.34
C ALA A 6 -2.27 2.96 1.95
N SER A 7 -3.29 3.49 1.24
CA SER A 7 -3.60 3.19 -0.14
C SER A 7 -2.57 3.68 -1.13
N LEU A 8 -1.91 4.82 -0.87
CA LEU A 8 -0.78 5.30 -1.65
C LEU A 8 0.43 4.40 -1.55
N ALA A 9 0.76 3.93 -0.33
CA ALA A 9 1.77 2.91 -0.11
C ALA A 9 1.43 1.63 -0.85
N ALA A 10 0.14 1.25 -0.86
CA ALA A 10 -0.35 0.15 -1.64
C ALA A 10 -0.25 0.28 -3.16
N LYS A 11 -0.68 1.41 -3.72
CA LYS A 11 -0.70 1.58 -5.17
C LYS A 11 0.65 1.94 -5.74
N PHE A 12 1.35 2.91 -5.12
CA PHE A 12 2.58 3.43 -5.68
C PHE A 12 3.77 2.67 -5.15
N GLY A 13 3.52 1.80 -4.16
CA GLY A 13 4.40 0.68 -3.90
C GLY A 13 3.80 -0.60 -4.42
N PRO A 14 3.89 -0.98 -5.69
CA PRO A 14 3.53 -2.33 -6.12
C PRO A 14 4.58 -3.30 -5.61
N LYS A 15 5.78 -2.78 -5.27
CA LYS A 15 6.73 -3.47 -4.44
C LYS A 15 6.22 -3.64 -3.01
N LEU A 16 5.68 -2.57 -2.39
CA LEU A 16 5.13 -2.58 -1.05
C LEU A 16 3.89 -3.45 -0.89
N PHE A 17 2.94 -3.44 -1.83
CA PHE A 17 1.71 -4.20 -1.72
C PHE A 17 1.79 -5.57 -2.38
N LEU A 19 4.57 -6.98 -0.67
CA LEU A 19 5.47 -7.22 0.43
C LEU A 19 4.71 -7.11 1.75
N VAL A 20 4.32 -5.87 2.15
CA VAL A 20 3.57 -5.54 3.34
C VAL A 20 2.20 -6.20 3.33
N THR A 21 1.54 -6.15 2.16
CA THR A 21 0.24 -6.78 1.96
C THR A 21 0.35 -7.77 0.84
N LYS A 22 -0.24 -8.97 0.97
CA LYS A 22 -0.35 -9.91 -0.12
C LYS A 22 -1.47 -9.61 -1.14
N LYS A 23 -1.33 -8.57 -1.97
CA LYS A 23 -2.23 -8.41 -3.11
C LYS A 23 -1.57 -8.90 -4.40
N PHE A 1 -8.36 5.35 10.66
CA PHE A 1 -7.24 4.46 10.53
C PHE A 1 -6.08 5.20 9.92
N LEU A 2 -6.05 5.25 8.58
CA LEU A 2 -5.19 6.09 7.81
C LEU A 2 -6.11 6.53 6.70
N PRO A 3 -5.84 7.59 5.98
CA PRO A 3 -6.56 7.88 4.77
C PRO A 3 -5.77 7.27 3.62
N ILE A 4 -5.57 8.03 2.53
CA ILE A 4 -4.87 7.66 1.32
C ILE A 4 -3.49 7.04 1.48
N LEU A 5 -2.74 7.35 2.56
CA LEU A 5 -1.37 6.92 2.75
C LEU A 5 -1.12 5.41 2.67
N ALA A 6 -2.03 4.59 3.21
CA ALA A 6 -2.00 3.15 3.03
C ALA A 6 -2.17 2.73 1.57
N SER A 7 -3.09 3.38 0.84
CA SER A 7 -3.31 3.21 -0.58
C SER A 7 -2.18 3.76 -1.45
N LEU A 8 -1.50 4.84 -1.02
CA LEU A 8 -0.30 5.32 -1.67
C LEU A 8 0.86 4.37 -1.57
N ALA A 9 1.04 3.73 -0.39
CA ALA A 9 1.95 2.62 -0.22
C ALA A 9 1.60 1.48 -1.17
N ALA A 10 0.30 1.15 -1.31
CA ALA A 10 -0.17 0.19 -2.27
C ALA A 10 0.12 0.48 -3.74
N LYS A 11 -0.15 1.73 -4.17
CA LYS A 11 -0.02 2.12 -5.55
C LYS A 11 1.39 2.44 -5.99
N PHE A 12 2.16 3.18 -5.18
CA PHE A 12 3.51 3.54 -5.54
C PHE A 12 4.49 2.47 -5.16
N GLY A 13 4.05 1.58 -4.26
CA GLY A 13 4.70 0.31 -4.04
C GLY A 13 3.86 -0.80 -4.57
N PRO A 14 3.87 -1.20 -5.84
CA PRO A 14 3.39 -2.52 -6.24
C PRO A 14 4.23 -3.60 -5.58
N LYS A 15 5.51 -3.28 -5.27
CA LYS A 15 6.31 -4.03 -4.34
C LYS A 15 5.72 -4.05 -2.92
N LEU A 16 5.30 -2.89 -2.40
CA LEU A 16 4.70 -2.78 -1.07
C LEU A 16 3.35 -3.45 -0.94
N PHE A 17 2.41 -3.33 -1.90
CA PHE A 17 1.15 -4.07 -1.80
C PHE A 17 1.31 -5.56 -1.95
N LEU A 19 4.22 -7.09 -0.82
CA LEU A 19 4.90 -7.49 0.41
C LEU A 19 4.15 -7.17 1.70
N VAL A 20 3.81 -5.88 1.94
CA VAL A 20 3.18 -5.40 3.17
C VAL A 20 1.75 -5.91 3.29
N THR A 21 0.97 -5.80 2.21
CA THR A 21 -0.46 -6.10 2.26
C THR A 21 -0.75 -7.45 1.64
N LYS A 22 0.29 -8.13 1.13
CA LYS A 22 0.24 -9.48 0.61
C LYS A 22 -0.77 -9.71 -0.51
N LYS A 23 -0.77 -8.87 -1.56
CA LYS A 23 -1.68 -9.05 -2.69
C LYS A 23 -0.98 -9.56 -3.92
N PHE A 1 -2.86 10.23 8.48
CA PHE A 1 -4.18 10.12 9.04
C PHE A 1 -5.20 9.92 7.96
N LEU A 2 -5.02 10.60 6.81
CA LEU A 2 -5.78 10.44 5.58
C LEU A 2 -6.07 8.98 5.15
N PRO A 3 -7.21 8.63 4.56
CA PRO A 3 -7.52 7.22 4.34
C PRO A 3 -6.80 6.73 3.09
N ILE A 4 -6.54 7.64 2.14
CA ILE A 4 -5.77 7.43 0.93
C ILE A 4 -4.38 6.86 1.10
N LEU A 5 -3.79 6.91 2.30
CA LEU A 5 -2.50 6.32 2.62
C LEU A 5 -2.46 4.82 2.39
N ALA A 6 -3.57 4.11 2.66
CA ALA A 6 -3.74 2.72 2.30
C ALA A 6 -3.67 2.49 0.78
N SER A 7 -4.32 3.38 0.00
CA SER A 7 -4.24 3.37 -1.45
C SER A 7 -2.86 3.64 -1.99
N LEU A 8 -2.12 4.60 -1.39
CA LEU A 8 -0.73 4.87 -1.73
C LEU A 8 0.18 3.70 -1.43
N ALA A 9 -0.01 3.04 -0.28
CA ALA A 9 0.68 1.82 0.10
C ALA A 9 0.43 0.69 -0.88
N ALA A 10 -0.81 0.50 -1.36
CA ALA A 10 -1.11 -0.43 -2.41
C ALA A 10 -0.54 -0.09 -3.79
N LYS A 11 -0.72 1.16 -4.25
CA LYS A 11 -0.35 1.60 -5.58
C LYS A 11 1.13 1.84 -5.80
N PHE A 12 1.79 2.54 -4.86
CA PHE A 12 3.18 2.95 -5.05
C PHE A 12 4.09 2.10 -4.22
N GLY A 13 3.49 1.28 -3.34
CA GLY A 13 4.17 0.15 -2.73
C GLY A 13 3.69 -1.15 -3.28
N PRO A 14 3.76 -1.57 -4.56
CA PRO A 14 3.36 -2.91 -4.95
C PRO A 14 4.27 -3.95 -4.32
N LYS A 15 5.51 -3.57 -3.95
CA LYS A 15 6.36 -4.36 -3.09
C LYS A 15 5.75 -4.57 -1.71
N LEU A 16 5.23 -3.48 -1.07
CA LEU A 16 4.54 -3.55 0.20
C LEU A 16 3.24 -4.32 0.09
N PHE A 17 2.45 -4.05 -0.96
CA PHE A 17 1.17 -4.67 -1.17
C PHE A 17 1.27 -6.19 -1.32
N LEU A 19 4.05 -8.15 -0.12
CA LEU A 19 4.55 -8.71 1.13
C LEU A 19 3.51 -8.66 2.24
N VAL A 20 2.78 -7.54 2.38
CA VAL A 20 1.70 -7.39 3.35
C VAL A 20 0.49 -8.26 2.99
N THR A 21 0.12 -8.32 1.69
CA THR A 21 -1.05 -9.11 1.28
C THR A 21 -0.76 -9.95 0.05
N LYS A 22 -1.38 -11.13 -0.09
CA LYS A 22 -1.23 -11.85 -1.34
C LYS A 22 -2.07 -11.25 -2.48
N LYS A 23 -1.52 -10.23 -3.15
CA LYS A 23 -1.92 -9.85 -4.48
C LYS A 23 -0.87 -10.30 -5.47
N PHE A 1 -9.33 5.04 10.26
CA PHE A 1 -8.27 4.37 9.55
C PHE A 1 -7.23 5.41 9.21
N LEU A 2 -6.06 4.98 8.68
CA LEU A 2 -5.19 5.80 7.86
C LEU A 2 -5.93 6.60 6.79
N PRO A 3 -5.34 7.67 6.27
CA PRO A 3 -5.85 8.26 5.05
C PRO A 3 -5.19 7.59 3.87
N ILE A 4 -5.12 8.28 2.73
CA ILE A 4 -4.57 7.84 1.45
C ILE A 4 -3.20 7.20 1.48
N LEU A 5 -2.34 7.54 2.45
CA LEU A 5 -0.97 7.04 2.57
C LEU A 5 -0.84 5.52 2.54
N ALA A 6 -1.77 4.76 3.16
CA ALA A 6 -1.84 3.32 3.04
C ALA A 6 -2.10 2.84 1.59
N SER A 7 -3.02 3.52 0.88
CA SER A 7 -3.28 3.31 -0.53
C SER A 7 -2.15 3.77 -1.45
N LEU A 8 -1.43 4.84 -1.10
CA LEU A 8 -0.23 5.27 -1.80
C LEU A 8 0.90 4.26 -1.70
N ALA A 9 1.06 3.62 -0.53
CA ALA A 9 1.92 2.47 -0.36
C ALA A 9 1.52 1.34 -1.30
N ALA A 10 0.22 1.10 -1.51
CA ALA A 10 -0.23 0.18 -2.54
C ALA A 10 0.07 0.56 -3.98
N LYS A 11 -0.21 1.81 -4.34
CA LYS A 11 -0.15 2.26 -5.71
C LYS A 11 1.25 2.52 -6.21
N PHE A 12 2.10 3.17 -5.39
CA PHE A 12 3.47 3.46 -5.77
C PHE A 12 4.38 2.36 -5.34
N GLY A 13 3.89 1.51 -4.44
CA GLY A 13 4.51 0.23 -4.15
C GLY A 13 3.65 -0.90 -4.61
N PRO A 14 3.61 -1.31 -5.87
CA PRO A 14 3.11 -2.63 -6.24
C PRO A 14 4.00 -3.68 -5.61
N LYS A 15 5.28 -3.36 -5.36
CA LYS A 15 6.13 -4.12 -4.47
C LYS A 15 5.60 -4.15 -3.03
N LEU A 16 5.20 -2.98 -2.49
CA LEU A 16 4.70 -2.85 -1.13
C LEU A 16 3.37 -3.53 -0.90
N PHE A 17 2.35 -3.41 -1.78
CA PHE A 17 1.10 -4.14 -1.54
C PHE A 17 1.17 -5.62 -1.91
N LEU A 19 3.94 -7.23 -0.85
CA LEU A 19 4.57 -7.67 0.38
C LEU A 19 3.77 -7.37 1.65
N VAL A 20 3.55 -6.07 1.97
CA VAL A 20 2.96 -5.58 3.21
C VAL A 20 1.51 -6.00 3.36
N THR A 21 0.72 -5.85 2.29
CA THR A 21 -0.70 -6.14 2.33
C THR A 21 -0.98 -7.47 1.62
N LYS A 22 0.10 -8.12 1.16
CA LYS A 22 0.12 -9.49 0.70
C LYS A 22 -0.87 -9.82 -0.43
N LYS A 23 -0.98 -8.95 -1.46
CA LYS A 23 -1.96 -9.16 -2.52
C LYS A 23 -1.35 -9.67 -3.80
N PHE A 1 -8.92 5.83 9.62
CA PHE A 1 -7.88 5.31 10.47
C PHE A 1 -6.56 5.85 10.00
N LEU A 2 -6.18 5.48 8.77
CA LEU A 2 -5.16 6.18 8.03
C LEU A 2 -5.95 6.86 6.94
N PRO A 3 -5.44 7.90 6.31
CA PRO A 3 -5.98 8.35 5.04
C PRO A 3 -5.29 7.59 3.93
N ILE A 4 -5.18 8.19 2.75
CA ILE A 4 -4.61 7.65 1.53
C ILE A 4 -3.24 7.00 1.64
N LEU A 5 -2.38 7.41 2.59
CA LEU A 5 -1.00 6.97 2.72
C LEU A 5 -0.76 5.47 2.74
N ALA A 6 -1.61 4.69 3.45
CA ALA A 6 -1.55 3.23 3.41
C ALA A 6 -1.82 2.66 2.02
N SER A 7 -2.85 3.18 1.34
CA SER A 7 -3.19 2.88 -0.03
C SER A 7 -2.15 3.34 -1.04
N LEU A 8 -1.53 4.51 -0.83
CA LEU A 8 -0.44 5.03 -1.62
C LEU A 8 0.81 4.20 -1.55
N ALA A 9 1.16 3.68 -0.36
CA ALA A 9 2.26 2.75 -0.19
C ALA A 9 2.08 1.52 -1.07
N ALA A 10 0.88 0.94 -1.05
CA ALA A 10 0.48 -0.10 -1.98
C ALA A 10 0.44 0.32 -3.45
N LYS A 11 -0.15 1.48 -3.80
CA LYS A 11 -0.28 1.89 -5.17
C LYS A 11 1.01 2.33 -5.86
N PHE A 12 1.90 3.04 -5.16
CA PHE A 12 3.15 3.49 -5.74
C PHE A 12 4.27 2.53 -5.50
N GLY A 13 4.16 1.68 -4.48
CA GLY A 13 4.94 0.48 -4.40
C GLY A 13 4.11 -0.68 -4.84
N PRO A 14 4.02 -1.13 -6.09
CA PRO A 14 3.36 -2.40 -6.42
C PRO A 14 4.11 -3.56 -5.78
N LYS A 15 5.43 -3.35 -5.58
CA LYS A 15 6.28 -4.14 -4.72
C LYS A 15 5.82 -4.13 -3.25
N LEU A 16 5.45 -2.94 -2.72
CA LEU A 16 4.84 -2.80 -1.41
C LEU A 16 3.43 -3.36 -1.32
N PHE A 17 2.57 -3.26 -2.36
CA PHE A 17 1.26 -3.90 -2.34
C PHE A 17 1.37 -5.40 -2.21
N LEU A 19 4.18 -6.98 -1.04
CA LEU A 19 4.81 -7.32 0.22
C LEU A 19 3.93 -7.03 1.44
N VAL A 20 3.49 -5.76 1.62
CA VAL A 20 2.79 -5.27 2.79
C VAL A 20 1.42 -5.91 2.94
N THR A 21 0.67 -6.07 1.83
CA THR A 21 -0.64 -6.73 1.88
C THR A 21 -0.57 -8.18 1.43
N LYS A 22 0.65 -8.72 1.23
CA LYS A 22 0.97 -10.09 0.87
C LYS A 22 0.16 -10.71 -0.28
N LYS A 23 -0.05 -9.99 -1.39
CA LYS A 23 -1.01 -10.41 -2.41
C LYS A 23 -0.41 -10.67 -3.79
N PHE A 1 -8.47 4.09 8.77
CA PHE A 1 -7.20 3.41 8.74
C PHE A 1 -6.18 4.27 8.07
N LEU A 2 -5.65 5.26 8.82
CA LEU A 2 -4.79 6.33 8.32
C LEU A 2 -5.53 7.24 7.34
N PRO A 3 -4.98 8.37 6.92
CA PRO A 3 -5.32 8.92 5.62
C PRO A 3 -4.77 8.04 4.51
N ILE A 4 -4.83 8.50 3.25
CA ILE A 4 -4.48 7.77 2.04
C ILE A 4 -3.15 7.06 2.02
N LEU A 5 -2.14 7.55 2.77
CA LEU A 5 -0.80 7.01 2.93
C LEU A 5 -0.65 5.49 2.99
N ALA A 6 -1.48 4.78 3.79
CA ALA A 6 -1.45 3.33 3.86
C ALA A 6 -1.77 2.64 2.53
N SER A 7 -2.84 3.11 1.86
CA SER A 7 -3.20 2.74 0.49
C SER A 7 -2.19 3.18 -0.54
N LEU A 8 -1.62 4.39 -0.40
CA LEU A 8 -0.59 4.90 -1.27
C LEU A 8 0.68 4.10 -1.25
N ALA A 9 1.09 3.56 -0.07
CA ALA A 9 2.24 2.70 0.04
C ALA A 9 2.11 1.47 -0.84
N ALA A 10 0.96 0.79 -0.76
CA ALA A 10 0.58 -0.26 -1.68
C ALA A 10 0.43 0.19 -3.15
N LYS A 11 -0.25 1.32 -3.42
CA LYS A 11 -0.46 1.79 -4.77
C LYS A 11 0.78 2.30 -5.52
N PHE A 12 1.72 2.99 -4.85
CA PHE A 12 2.92 3.48 -5.50
C PHE A 12 4.07 2.54 -5.34
N GLY A 13 4.02 1.63 -4.36
CA GLY A 13 4.89 0.47 -4.34
C GLY A 13 4.18 -0.70 -4.89
N PRO A 14 4.21 -1.12 -6.16
CA PRO A 14 3.64 -2.39 -6.58
C PRO A 14 4.39 -3.55 -5.93
N LYS A 15 5.67 -3.32 -5.57
CA LYS A 15 6.41 -4.14 -4.64
C LYS A 15 5.76 -4.20 -3.25
N LEU A 16 5.34 -3.05 -2.71
CA LEU A 16 4.64 -2.93 -1.45
C LEU A 16 3.22 -3.48 -1.47
N PHE A 17 2.46 -3.40 -2.59
CA PHE A 17 1.15 -4.03 -2.71
C PHE A 17 1.24 -5.56 -2.61
N LEU A 19 3.97 -7.03 -1.14
CA LEU A 19 4.59 -7.34 0.13
C LEU A 19 3.77 -6.95 1.35
N VAL A 20 3.47 -5.64 1.54
CA VAL A 20 2.91 -5.07 2.76
C VAL A 20 1.51 -5.58 3.05
N THR A 21 0.63 -5.59 2.02
CA THR A 21 -0.70 -6.16 2.19
C THR A 21 -0.76 -7.56 1.62
N LYS A 22 0.39 -8.10 1.17
CA LYS A 22 0.57 -9.47 0.74
C LYS A 22 -0.40 -9.95 -0.34
N LYS A 23 -0.61 -9.21 -1.45
CA LYS A 23 -1.62 -9.61 -2.43
C LYS A 23 -1.06 -10.05 -3.77
N PHE A 1 -9.09 3.73 6.03
CA PHE A 1 -8.28 3.64 7.22
C PHE A 1 -6.93 4.21 6.89
N LEU A 2 -6.35 4.99 7.84
CA LEU A 2 -5.31 5.97 7.59
C LEU A 2 -5.84 7.10 6.69
N PRO A 3 -5.15 8.20 6.46
CA PRO A 3 -5.31 8.93 5.21
C PRO A 3 -4.76 8.13 4.04
N ILE A 4 -4.71 8.74 2.84
CA ILE A 4 -4.34 8.12 1.57
C ILE A 4 -3.05 7.31 1.55
N LEU A 5 -2.07 7.62 2.42
CA LEU A 5 -0.81 6.93 2.62
C LEU A 5 -0.83 5.40 2.55
N ALA A 6 -1.82 4.73 3.18
CA ALA A 6 -2.00 3.29 3.06
C ALA A 6 -2.28 2.82 1.63
N SER A 7 -3.16 3.54 0.91
CA SER A 7 -3.42 3.35 -0.51
C SER A 7 -2.26 3.75 -1.41
N LEU A 8 -1.50 4.78 -1.04
CA LEU A 8 -0.28 5.16 -1.73
C LEU A 8 0.80 4.10 -1.65
N ALA A 9 0.92 3.43 -0.48
CA ALA A 9 1.73 2.24 -0.31
C ALA A 9 1.32 1.15 -1.29
N ALA A 10 0.00 0.93 -1.50
CA ALA A 10 -0.45 0.09 -2.58
C ALA A 10 -0.09 0.53 -3.99
N LYS A 11 -0.35 1.80 -4.31
CA LYS A 11 -0.27 2.31 -5.66
C LYS A 11 1.14 2.55 -6.16
N PHE A 12 2.01 3.12 -5.33
CA PHE A 12 3.38 3.40 -5.72
C PHE A 12 4.32 2.37 -5.17
N GLY A 13 3.79 1.47 -4.34
CA GLY A 13 4.46 0.25 -4.00
C GLY A 13 3.74 -0.93 -4.55
N PRO A 14 3.90 -1.33 -5.82
CA PRO A 14 3.50 -2.66 -6.25
C PRO A 14 4.30 -3.70 -5.51
N LYS A 15 5.56 -3.39 -5.13
CA LYS A 15 6.27 -4.14 -4.13
C LYS A 15 5.64 -4.05 -2.74
N LEU A 16 5.24 -2.85 -2.27
CA LEU A 16 4.65 -2.69 -0.95
C LEU A 16 3.30 -3.37 -0.79
N PHE A 17 2.36 -3.34 -1.77
CA PHE A 17 1.12 -4.10 -1.60
C PHE A 17 1.29 -5.60 -1.82
N LEU A 19 4.05 -7.03 -0.44
CA LEU A 19 4.58 -7.37 0.86
C LEU A 19 3.68 -7.04 2.04
N VAL A 20 3.29 -5.76 2.22
CA VAL A 20 2.53 -5.26 3.36
C VAL A 20 1.12 -5.80 3.41
N THR A 21 0.42 -5.84 2.26
CA THR A 21 -0.99 -6.17 2.23
C THR A 21 -1.23 -7.43 1.41
N LYS A 22 -0.13 -8.14 1.07
CA LYS A 22 -0.13 -9.48 0.51
C LYS A 22 -0.99 -9.70 -0.73
N LYS A 23 -0.83 -8.87 -1.77
CA LYS A 23 -1.58 -9.01 -3.01
C LYS A 23 -0.70 -9.49 -4.14
N PHE A 1 -8.76 6.39 10.57
CA PHE A 1 -7.67 5.48 10.85
C PHE A 1 -6.39 6.02 10.23
N LEU A 2 -5.97 5.42 9.11
CA LEU A 2 -4.99 5.97 8.22
C LEU A 2 -5.74 5.99 6.92
N PRO A 3 -5.60 6.96 6.02
CA PRO A 3 -6.50 6.98 4.88
C PRO A 3 -5.71 6.61 3.65
N ILE A 4 -5.65 7.49 2.64
CA ILE A 4 -4.96 7.34 1.38
C ILE A 4 -3.52 6.91 1.47
N LEU A 5 -2.79 7.20 2.55
CA LEU A 5 -1.41 6.82 2.73
C LEU A 5 -1.15 5.31 2.65
N ALA A 6 -2.08 4.48 3.18
CA ALA A 6 -2.06 3.04 2.97
C ALA A 6 -2.21 2.65 1.49
N SER A 7 -3.14 3.31 0.78
CA SER A 7 -3.35 3.19 -0.65
C SER A 7 -2.20 3.68 -1.51
N LEU A 8 -1.52 4.77 -1.10
CA LEU A 8 -0.31 5.26 -1.74
C LEU A 8 0.84 4.30 -1.62
N ALA A 9 1.01 3.67 -0.44
CA ALA A 9 1.93 2.57 -0.25
C ALA A 9 1.60 1.42 -1.19
N ALA A 10 0.31 1.08 -1.34
CA ALA A 10 -0.16 0.11 -2.29
C ALA A 10 0.10 0.40 -3.76
N LYS A 11 -0.17 1.64 -4.19
CA LYS A 11 -0.10 2.03 -5.58
C LYS A 11 1.28 2.40 -6.05
N PHE A 12 2.03 3.19 -5.25
CA PHE A 12 3.36 3.60 -5.65
C PHE A 12 4.39 2.57 -5.28
N GLY A 13 4.02 1.69 -4.34
CA GLY A 13 4.70 0.44 -4.15
C GLY A 13 3.84 -0.69 -4.60
N PRO A 14 3.80 -1.10 -5.88
CA PRO A 14 3.31 -2.42 -6.24
C PRO A 14 4.21 -3.48 -5.60
N LYS A 15 5.51 -3.15 -5.43
CA LYS A 15 6.42 -3.85 -4.58
C LYS A 15 5.97 -3.86 -3.11
N LEU A 16 5.55 -2.71 -2.57
CA LEU A 16 5.04 -2.61 -1.21
C LEU A 16 3.72 -3.35 -1.00
N PHE A 17 2.72 -3.27 -1.90
CA PHE A 17 1.49 -4.05 -1.73
C PHE A 17 1.70 -5.56 -1.87
N LEU A 19 4.57 -6.94 -0.82
CA LEU A 19 5.23 -7.31 0.44
C LEU A 19 4.38 -7.06 1.68
N VAL A 20 3.95 -5.81 1.94
CA VAL A 20 3.25 -5.37 3.14
C VAL A 20 1.87 -6.00 3.25
N THR A 21 1.12 -6.00 2.14
CA THR A 21 -0.29 -6.42 2.16
C THR A 21 -0.43 -7.78 1.52
N LYS A 22 0.70 -8.36 1.10
CA LYS A 22 0.86 -9.67 0.47
C LYS A 22 -0.05 -9.96 -0.74
N LYS A 23 -0.21 -9.00 -1.67
CA LYS A 23 -1.11 -9.19 -2.81
C LYS A 23 -0.41 -9.65 -4.07
N PHE A 1 -8.90 2.93 6.94
CA PHE A 1 -8.17 3.48 8.05
C PHE A 1 -6.93 4.17 7.50
N LEU A 2 -6.36 5.10 8.30
CA LEU A 2 -5.31 6.04 7.93
C LEU A 2 -5.87 7.07 6.94
N PRO A 3 -5.20 8.13 6.57
CA PRO A 3 -5.46 8.77 5.28
C PRO A 3 -4.90 7.93 4.14
N ILE A 4 -4.91 8.50 2.92
CA ILE A 4 -4.55 7.87 1.66
C ILE A 4 -3.22 7.14 1.63
N LEU A 5 -2.24 7.56 2.45
CA LEU A 5 -0.94 6.94 2.67
C LEU A 5 -0.85 5.42 2.59
N ALA A 6 -1.80 4.67 3.20
CA ALA A 6 -1.86 3.22 3.08
C ALA A 6 -2.09 2.74 1.63
N SER A 7 -3.03 3.39 0.93
CA SER A 7 -3.27 3.19 -0.49
C SER A 7 -2.17 3.73 -1.39
N LEU A 8 -1.47 4.81 -0.97
CA LEU A 8 -0.29 5.27 -1.67
C LEU A 8 0.88 4.31 -1.58
N ALA A 9 1.09 3.69 -0.41
CA ALA A 9 2.02 2.59 -0.24
C ALA A 9 1.67 1.42 -1.13
N ALA A 10 0.38 1.08 -1.22
CA ALA A 10 -0.13 0.10 -2.15
C ALA A 10 0.10 0.40 -3.63
N LYS A 11 -0.19 1.64 -4.07
CA LYS A 11 -0.11 2.02 -5.46
C LYS A 11 1.29 2.32 -5.94
N PHE A 12 2.09 3.07 -5.17
CA PHE A 12 3.44 3.43 -5.59
C PHE A 12 4.42 2.35 -5.23
N GLY A 13 4.03 1.49 -4.29
CA GLY A 13 4.67 0.22 -4.09
C GLY A 13 3.80 -0.90 -4.59
N PRO A 14 3.78 -1.30 -5.86
CA PRO A 14 3.25 -2.61 -6.23
C PRO A 14 4.09 -3.70 -5.58
N LYS A 15 5.38 -3.39 -5.32
CA LYS A 15 6.21 -4.16 -4.42
C LYS A 15 5.66 -4.22 -3.00
N LEU A 16 5.23 -3.06 -2.45
CA LEU A 16 4.64 -2.96 -1.13
C LEU A 16 3.27 -3.61 -1.01
N PHE A 17 2.35 -3.46 -1.98
CA PHE A 17 1.07 -4.15 -1.92
C PHE A 17 1.18 -5.67 -2.06
N LEU A 19 4.04 -7.24 -0.98
CA LEU A 19 4.70 -7.67 0.25
C LEU A 19 3.91 -7.41 1.52
N VAL A 20 3.58 -6.14 1.82
CA VAL A 20 2.95 -5.70 3.06
C VAL A 20 1.52 -6.18 3.17
N THR A 21 0.74 -6.01 2.08
CA THR A 21 -0.69 -6.29 2.12
C THR A 21 -1.01 -7.61 1.44
N LYS A 22 0.04 -8.30 0.95
CA LYS A 22 -0.02 -9.63 0.36
C LYS A 22 -1.05 -9.79 -0.77
N LYS A 23 -1.01 -8.91 -1.79
CA LYS A 23 -1.93 -9.01 -2.91
C LYS A 23 -1.26 -9.52 -4.18
N PHE A 1 -8.36 5.44 9.78
CA PHE A 1 -7.17 4.90 10.42
C PHE A 1 -5.95 5.57 9.85
N LEU A 2 -5.51 5.12 8.69
CA LEU A 2 -4.67 5.85 7.78
C LEU A 2 -5.64 6.18 6.65
N PRO A 3 -5.57 7.32 6.01
CA PRO A 3 -6.41 7.53 4.84
C PRO A 3 -5.61 7.07 3.63
N ILE A 4 -5.38 7.96 2.66
CA ILE A 4 -4.61 7.71 1.45
C ILE A 4 -3.25 7.07 1.62
N LEU A 5 -2.56 7.28 2.76
CA LEU A 5 -1.23 6.77 3.01
C LEU A 5 -1.07 5.26 2.87
N ALA A 6 -2.07 4.47 3.34
CA ALA A 6 -2.12 3.03 3.11
C ALA A 6 -2.27 2.69 1.62
N SER A 7 -3.14 3.43 0.91
CA SER A 7 -3.33 3.33 -0.53
C SER A 7 -2.13 3.77 -1.37
N LEU A 8 -1.39 4.80 -0.93
CA LEU A 8 -0.15 5.22 -1.56
C LEU A 8 0.93 4.17 -1.45
N ALA A 9 1.06 3.53 -0.27
CA ALA A 9 1.91 2.37 -0.08
C ALA A 9 1.50 1.24 -1.00
N ALA A 10 0.19 1.00 -1.15
CA ALA A 10 -0.35 0.04 -2.07
C ALA A 10 -0.09 0.29 -3.56
N LYS A 11 -0.32 1.52 -4.04
CA LYS A 11 -0.24 1.81 -5.45
C LYS A 11 1.16 2.13 -5.91
N PHE A 12 1.89 3.01 -5.18
CA PHE A 12 3.20 3.43 -5.61
C PHE A 12 4.26 2.46 -5.16
N GLY A 13 3.90 1.60 -4.20
CA GLY A 13 4.60 0.38 -3.97
C GLY A 13 3.83 -0.79 -4.51
N PRO A 14 3.90 -1.20 -5.79
CA PRO A 14 3.38 -2.49 -6.22
C PRO A 14 4.19 -3.59 -5.56
N LYS A 15 5.47 -3.32 -5.24
CA LYS A 15 6.24 -4.13 -4.32
C LYS A 15 5.65 -4.13 -2.92
N LEU A 16 5.28 -2.95 -2.37
CA LEU A 16 4.74 -2.82 -1.04
C LEU A 16 3.37 -3.46 -0.87
N PHE A 17 2.41 -3.33 -1.81
CA PHE A 17 1.15 -4.07 -1.69
C PHE A 17 1.30 -5.58 -1.80
N LEU A 19 4.16 -7.13 -0.75
CA LEU A 19 4.82 -7.52 0.48
C LEU A 19 4.06 -7.23 1.77
N VAL A 20 3.65 -5.97 2.02
CA VAL A 20 3.00 -5.54 3.24
C VAL A 20 1.58 -6.07 3.34
N THR A 21 0.82 -5.95 2.25
CA THR A 21 -0.61 -6.26 2.30
C THR A 21 -0.90 -7.61 1.67
N LYS A 22 0.15 -8.28 1.16
CA LYS A 22 0.12 -9.61 0.59
C LYS A 22 -0.92 -9.79 -0.52
N LYS A 23 -0.87 -8.92 -1.55
CA LYS A 23 -1.81 -8.99 -2.66
C LYS A 23 -1.17 -9.48 -3.94
N PHE A 1 -8.72 2.57 6.98
CA PHE A 1 -8.17 3.37 8.04
C PHE A 1 -6.90 4.00 7.52
N LEU A 2 -6.38 4.99 8.28
CA LEU A 2 -5.37 5.96 7.87
C LEU A 2 -5.98 6.92 6.84
N PRO A 3 -5.37 8.01 6.41
CA PRO A 3 -5.71 8.60 5.13
C PRO A 3 -5.06 7.82 4.01
N ILE A 4 -5.02 8.41 2.80
CA ILE A 4 -4.59 7.83 1.55
C ILE A 4 -3.25 7.10 1.55
N LEU A 5 -2.31 7.48 2.42
CA LEU A 5 -1.00 6.90 2.63
C LEU A 5 -0.90 5.37 2.55
N ALA A 6 -1.85 4.63 3.15
CA ALA A 6 -1.94 3.18 3.03
C ALA A 6 -2.14 2.71 1.58
N SER A 7 -3.05 3.39 0.84
CA SER A 7 -3.27 3.19 -0.57
C SER A 7 -2.16 3.72 -1.45
N LEU A 8 -1.44 4.77 -1.02
CA LEU A 8 -0.23 5.21 -1.69
C LEU A 8 0.90 4.23 -1.60
N ALA A 9 1.07 3.56 -0.44
CA ALA A 9 1.94 2.43 -0.29
C ALA A 9 1.56 1.31 -1.24
N ALA A 10 0.26 1.05 -1.41
CA ALA A 10 -0.24 0.13 -2.41
C ALA A 10 0.07 0.46 -3.86
N LYS A 11 -0.18 1.73 -4.24
CA LYS A 11 -0.08 2.16 -5.61
C LYS A 11 1.33 2.44 -6.07
N PHE A 12 2.16 3.11 -5.24
CA PHE A 12 3.52 3.40 -5.59
C PHE A 12 4.43 2.26 -5.24
N GLY A 13 3.97 1.38 -4.35
CA GLY A 13 4.55 0.08 -4.16
C GLY A 13 3.64 -1.00 -4.61
N PRO A 14 3.59 -1.41 -5.88
CA PRO A 14 3.08 -2.73 -6.25
C PRO A 14 3.95 -3.80 -5.61
N LYS A 15 5.25 -3.47 -5.40
CA LYS A 15 6.13 -4.21 -4.52
C LYS A 15 5.63 -4.23 -3.07
N LEU A 16 5.24 -3.05 -2.52
CA LEU A 16 4.73 -2.93 -1.18
C LEU A 16 3.38 -3.60 -0.96
N PHE A 17 2.38 -3.47 -1.86
CA PHE A 17 1.11 -4.17 -1.69
C PHE A 17 1.23 -5.69 -1.87
N LEU A 19 4.11 -7.23 -0.76
CA LEU A 19 4.80 -7.63 0.46
C LEU A 19 4.08 -7.30 1.76
N VAL A 20 3.70 -6.04 1.98
CA VAL A 20 3.06 -5.55 3.20
C VAL A 20 1.64 -6.07 3.30
N THR A 21 0.87 -5.96 2.21
CA THR A 21 -0.57 -6.23 2.28
C THR A 21 -0.91 -7.56 1.66
N LYS A 22 0.11 -8.28 1.15
CA LYS A 22 -0.01 -9.63 0.63
C LYS A 22 -1.05 -9.80 -0.49
N LYS A 23 -1.01 -8.95 -1.52
CA LYS A 23 -1.92 -9.07 -2.65
C LYS A 23 -1.23 -9.59 -3.89
N PHE A 1 -8.75 3.47 8.12
CA PHE A 1 -7.54 3.47 8.91
C PHE A 1 -6.49 4.26 8.17
N LEU A 2 -5.79 5.17 8.90
CA LEU A 2 -4.84 6.11 8.35
C LEU A 2 -5.55 7.17 7.50
N PRO A 3 -4.91 8.25 7.07
CA PRO A 3 -5.30 8.89 5.82
C PRO A 3 -5.00 7.99 4.62
N ILE A 4 -5.33 8.45 3.41
CA ILE A 4 -5.25 7.73 2.13
C ILE A 4 -3.97 6.94 1.91
N LEU A 5 -2.82 7.49 2.36
CA LEU A 5 -1.45 6.97 2.29
C LEU A 5 -1.25 5.47 2.43
N ALA A 6 -2.06 4.77 3.24
CA ALA A 6 -2.08 3.32 3.30
C ALA A 6 -2.39 2.67 1.95
N SER A 7 -3.36 3.23 1.21
CA SER A 7 -3.70 2.81 -0.14
C SER A 7 -2.71 3.29 -1.19
N LEU A 8 -1.90 4.33 -0.90
CA LEU A 8 -0.80 4.70 -1.77
C LEU A 8 0.28 3.65 -1.81
N ALA A 9 0.58 3.01 -0.65
CA ALA A 9 1.40 1.83 -0.61
C ALA A 9 0.81 0.70 -1.46
N ALA A 10 -0.52 0.50 -1.34
CA ALA A 10 -1.27 -0.46 -2.15
C ALA A 10 -1.28 -0.24 -3.65
N LYS A 11 -1.41 1.01 -4.12
CA LYS A 11 -1.41 1.31 -5.53
C LYS A 11 -0.06 1.57 -6.15
N PHE A 12 0.78 2.40 -5.52
CA PHE A 12 2.02 2.83 -6.11
C PHE A 12 3.17 1.96 -5.71
N GLY A 13 2.95 1.06 -4.73
CA GLY A 13 3.89 0.04 -4.39
C GLY A 13 3.40 -1.31 -4.77
N PRO A 14 3.52 -1.81 -6.01
CA PRO A 14 3.48 -3.23 -6.27
C PRO A 14 4.67 -3.91 -5.63
N LYS A 15 5.82 -3.21 -5.55
CA LYS A 15 6.94 -3.62 -4.72
C LYS A 15 6.62 -3.59 -3.22
N LEU A 16 5.96 -2.51 -2.73
CA LEU A 16 5.60 -2.40 -1.32
C LEU A 16 4.52 -3.35 -0.90
N PHE A 17 3.39 -3.46 -1.61
CA PHE A 17 2.17 -4.11 -1.12
C PHE A 17 1.98 -5.49 -1.66
N LEU A 19 4.57 -7.03 -0.05
CA LEU A 19 5.41 -7.29 1.10
C LEU A 19 4.80 -6.72 2.38
N VAL A 20 4.38 -5.44 2.39
CA VAL A 20 3.72 -4.75 3.49
C VAL A 20 2.36 -5.33 3.78
N THR A 21 1.72 -5.89 2.74
CA THR A 21 0.44 -6.57 2.79
C THR A 21 0.49 -7.41 1.51
N LYS A 22 -0.45 -8.35 1.28
CA LYS A 22 -0.51 -9.10 0.06
C LYS A 22 -1.65 -8.65 -0.81
N LYS A 23 -1.36 -8.09 -2.00
CA LYS A 23 -2.30 -8.10 -3.12
C LYS A 23 -1.73 -8.92 -4.27
N PHE A 1 -8.25 4.24 9.63
CA PHE A 1 -7.09 4.31 10.49
C PHE A 1 -5.96 5.06 9.81
N LEU A 2 -6.10 5.24 8.49
CA LEU A 2 -5.19 5.97 7.66
C LEU A 2 -6.08 6.50 6.57
N PRO A 3 -5.67 7.52 5.84
CA PRO A 3 -6.39 7.91 4.65
C PRO A 3 -5.65 7.30 3.47
N ILE A 4 -5.45 8.08 2.39
CA ILE A 4 -4.76 7.73 1.17
C ILE A 4 -3.40 7.08 1.31
N LEU A 5 -2.65 7.35 2.40
CA LEU A 5 -1.30 6.83 2.61
C LEU A 5 -1.16 5.32 2.53
N ALA A 6 -2.15 4.55 3.02
CA ALA A 6 -2.20 3.11 2.81
C ALA A 6 -2.34 2.74 1.33
N SER A 7 -3.21 3.45 0.59
CA SER A 7 -3.39 3.30 -0.85
C SER A 7 -2.20 3.76 -1.67
N LEU A 8 -1.49 4.82 -1.25
CA LEU A 8 -0.24 5.26 -1.86
C LEU A 8 0.88 4.27 -1.69
N ALA A 9 0.97 3.62 -0.51
CA ALA A 9 1.83 2.49 -0.28
C ALA A 9 1.51 1.35 -1.23
N ALA A 10 0.22 1.10 -1.53
CA ALA A 10 -0.18 0.19 -2.57
C ALA A 10 0.18 0.55 -4.00
N LYS A 11 -0.12 1.80 -4.40
CA LYS A 11 0.00 2.23 -5.78
C LYS A 11 1.42 2.51 -6.22
N PHE A 12 2.21 3.19 -5.36
CA PHE A 12 3.58 3.52 -5.70
C PHE A 12 4.51 2.48 -5.15
N GLY A 13 3.95 1.58 -4.33
CA GLY A 13 4.59 0.33 -4.03
C GLY A 13 3.77 -0.82 -4.51
N PRO A 14 3.74 -1.22 -5.78
CA PRO A 14 3.15 -2.50 -6.16
C PRO A 14 3.90 -3.64 -5.50
N LYS A 15 5.24 -3.47 -5.39
CA LYS A 15 6.06 -4.31 -4.53
C LYS A 15 5.72 -4.19 -3.05
N LEU A 16 5.37 -2.99 -2.56
CA LEU A 16 4.97 -2.80 -1.17
C LEU A 16 3.64 -3.44 -0.85
N PHE A 17 2.56 -3.28 -1.64
CA PHE A 17 1.31 -3.97 -1.34
C PHE A 17 1.37 -5.48 -1.53
N LEU A 19 4.05 -7.22 -0.80
CA LEU A 19 4.65 -7.65 0.46
C LEU A 19 3.75 -7.39 1.68
N VAL A 20 3.34 -6.13 1.91
CA VAL A 20 2.64 -5.65 3.10
C VAL A 20 1.25 -6.22 3.23
N THR A 21 0.46 -6.28 2.13
CA THR A 21 -0.91 -6.77 2.22
C THR A 21 -1.08 -8.14 1.61
N LYS A 22 -0.01 -8.71 1.02
CA LYS A 22 0.00 -10.02 0.43
C LYS A 22 -1.02 -10.19 -0.72
N LYS A 23 -1.11 -9.21 -1.63
CA LYS A 23 -2.04 -9.31 -2.76
C LYS A 23 -1.34 -9.62 -4.07
N PHE A 1 -8.57 2.57 6.22
CA PHE A 1 -8.01 3.09 7.45
C PHE A 1 -6.73 3.80 7.09
N LEU A 2 -6.21 4.63 8.03
CA LEU A 2 -5.24 5.68 7.75
C LEU A 2 -5.85 6.78 6.87
N PRO A 3 -5.21 7.91 6.63
CA PRO A 3 -5.44 8.63 5.40
C PRO A 3 -4.87 7.87 4.20
N ILE A 4 -4.86 8.48 3.01
CA ILE A 4 -4.46 7.87 1.74
C ILE A 4 -3.16 7.11 1.71
N LEU A 5 -2.18 7.47 2.56
CA LEU A 5 -0.87 6.86 2.73
C LEU A 5 -0.80 5.33 2.67
N ALA A 6 -1.74 4.60 3.31
CA ALA A 6 -1.84 3.14 3.18
C ALA A 6 -2.11 2.67 1.75
N SER A 7 -3.03 3.35 1.04
CA SER A 7 -3.29 3.15 -0.37
C SER A 7 -2.19 3.66 -1.28
N LEU A 8 -1.47 4.72 -0.90
CA LEU A 8 -0.28 5.16 -1.61
C LEU A 8 0.87 4.18 -1.54
N ALA A 9 1.03 3.51 -0.38
CA ALA A 9 1.91 2.37 -0.24
C ALA A 9 1.55 1.26 -1.20
N ALA A 10 0.23 1.02 -1.43
CA ALA A 10 -0.22 0.13 -2.47
C ALA A 10 0.10 0.56 -3.90
N LYS A 11 -0.18 1.83 -4.22
CA LYS A 11 -0.11 2.32 -5.58
C LYS A 11 1.29 2.60 -6.06
N PHE A 12 2.14 3.20 -5.22
CA PHE A 12 3.51 3.50 -5.59
C PHE A 12 4.42 2.40 -5.13
N GLY A 13 3.87 1.45 -4.39
CA GLY A 13 4.50 0.19 -4.15
C GLY A 13 3.63 -0.93 -4.62
N PRO A 14 3.57 -1.31 -5.88
CA PRO A 14 2.98 -2.59 -6.27
C PRO A 14 3.77 -3.73 -5.65
N LYS A 15 5.10 -3.55 -5.51
CA LYS A 15 5.92 -4.39 -4.66
C LYS A 15 5.60 -4.30 -3.17
N LEU A 16 5.24 -3.12 -2.63
CA LEU A 16 4.77 -3.01 -1.25
C LEU A 16 3.41 -3.67 -1.05
N PHE A 17 2.41 -3.50 -1.91
CA PHE A 17 1.13 -4.18 -1.74
C PHE A 17 1.21 -5.68 -1.96
N LEU A 19 3.93 -7.37 -1.08
CA LEU A 19 4.63 -7.85 0.10
C LEU A 19 3.92 -7.54 1.41
N VAL A 20 3.81 -6.24 1.78
CA VAL A 20 3.32 -5.73 3.06
C VAL A 20 1.87 -6.08 3.30
N THR A 21 1.01 -5.85 2.28
CA THR A 21 -0.42 -6.09 2.40
C THR A 21 -0.79 -7.39 1.71
N LYS A 22 0.24 -8.09 1.19
CA LYS A 22 0.18 -9.40 0.56
C LYS A 22 -0.93 -9.63 -0.46
N LYS A 23 -1.12 -8.73 -1.43
CA LYS A 23 -2.19 -8.84 -2.41
C LYS A 23 -1.75 -9.54 -3.68
N PHE A 1 -2.69 8.97 10.06
CA PHE A 1 -3.72 9.98 10.00
C PHE A 1 -4.80 9.54 9.02
N LEU A 2 -4.80 10.07 7.78
CA LEU A 2 -5.59 9.61 6.67
C LEU A 2 -5.65 8.08 6.47
N PRO A 3 -6.75 7.45 6.03
CA PRO A 3 -6.80 6.00 5.93
C PRO A 3 -6.06 5.54 4.69
N ILE A 4 -5.97 6.44 3.69
CA ILE A 4 -5.22 6.28 2.46
C ILE A 4 -3.76 5.92 2.59
N LEU A 5 -3.12 6.11 3.76
CA LEU A 5 -1.72 5.77 3.96
C LEU A 5 -1.41 4.29 3.72
N ALA A 6 -2.32 3.39 4.15
CA ALA A 6 -2.27 1.98 3.81
C ALA A 6 -2.41 1.75 2.29
N SER A 7 -3.34 2.46 1.64
CA SER A 7 -3.54 2.45 0.21
C SER A 7 -2.37 2.98 -0.59
N LEU A 8 -1.70 4.05 -0.11
CA LEU A 8 -0.47 4.57 -0.68
C LEU A 8 0.68 3.61 -0.58
N ALA A 9 0.83 2.91 0.56
CA ALA A 9 1.79 1.84 0.70
C ALA A 9 1.56 0.75 -0.32
N ALA A 10 0.29 0.34 -0.53
CA ALA A 10 -0.08 -0.56 -1.59
C ALA A 10 0.13 -0.03 -3.03
N LYS A 11 -0.26 1.21 -3.34
CA LYS A 11 -0.27 1.66 -4.71
C LYS A 11 1.02 2.31 -5.17
N PHE A 12 1.82 2.91 -4.26
CA PHE A 12 3.13 3.43 -4.63
C PHE A 12 4.21 2.47 -4.27
N GLY A 13 3.88 1.44 -3.48
CA GLY A 13 4.65 0.23 -3.44
C GLY A 13 3.90 -0.86 -4.15
N PRO A 14 3.92 -1.05 -5.47
CA PRO A 14 3.40 -2.27 -6.09
C PRO A 14 4.20 -3.47 -5.63
N LYS A 15 5.50 -3.26 -5.32
CA LYS A 15 6.32 -4.18 -4.58
C LYS A 15 5.74 -4.45 -3.18
N LEU A 16 5.37 -3.38 -2.43
CA LEU A 16 4.77 -3.48 -1.12
C LEU A 16 3.41 -4.16 -1.12
N PHE A 17 2.50 -3.86 -2.06
CA PHE A 17 1.20 -4.51 -2.10
C PHE A 17 1.28 -6.02 -2.32
N LEU A 19 4.25 -7.78 -1.46
CA LEU A 19 4.97 -8.27 -0.30
C LEU A 19 4.22 -8.23 1.02
N VAL A 20 3.58 -7.09 1.36
CA VAL A 20 2.89 -6.85 2.62
C VAL A 20 1.76 -7.85 2.84
N THR A 21 1.00 -8.20 1.78
CA THR A 21 -0.09 -9.15 1.91
C THR A 21 0.22 -10.52 1.33
N LYS A 22 1.52 -10.92 1.23
CA LYS A 22 2.00 -12.21 0.71
C LYS A 22 1.37 -12.67 -0.61
N LYS A 23 1.43 -11.83 -1.67
CA LYS A 23 0.83 -12.12 -2.97
C LYS A 23 1.75 -11.69 -4.10
N PHE A 1 -7.96 5.52 10.78
CA PHE A 1 -6.72 5.59 11.51
C PHE A 1 -5.66 6.28 10.69
N LEU A 2 -5.27 5.66 9.57
CA LEU A 2 -4.46 6.24 8.55
C LEU A 2 -5.32 6.08 7.30
N PRO A 3 -5.35 6.99 6.34
CA PRO A 3 -6.32 6.82 5.27
C PRO A 3 -5.55 6.45 4.02
N ILE A 4 -5.62 7.28 2.97
CA ILE A 4 -4.98 7.11 1.68
C ILE A 4 -3.51 6.79 1.70
N LEU A 5 -2.73 7.21 2.72
CA LEU A 5 -1.31 6.94 2.80
C LEU A 5 -0.93 5.46 2.82
N ALA A 6 -1.73 4.60 3.50
CA ALA A 6 -1.59 3.16 3.43
C ALA A 6 -1.86 2.64 2.01
N SER A 7 -2.93 3.15 1.38
CA SER A 7 -3.31 2.86 0.02
C SER A 7 -2.30 3.31 -1.03
N LEU A 8 -1.69 4.49 -0.84
CA LEU A 8 -0.64 5.02 -1.68
C LEU A 8 0.63 4.22 -1.64
N ALA A 9 1.05 3.75 -0.44
CA ALA A 9 2.18 2.86 -0.30
C ALA A 9 1.99 1.59 -1.09
N ALA A 10 0.79 1.00 -0.97
CA ALA A 10 0.33 -0.10 -1.79
C ALA A 10 0.22 0.20 -3.29
N LYS A 11 -0.42 1.30 -3.70
CA LYS A 11 -0.61 1.61 -5.11
C LYS A 11 0.65 2.04 -5.86
N PHE A 12 1.48 2.90 -5.26
CA PHE A 12 2.66 3.41 -5.94
C PHE A 12 3.84 2.49 -5.80
N GLY A 13 3.84 1.68 -4.74
CA GLY A 13 4.77 0.58 -4.63
C GLY A 13 4.08 -0.70 -4.94
N PRO A 14 4.00 -1.28 -6.14
CA PRO A 14 3.60 -2.68 -6.30
C PRO A 14 4.60 -3.59 -5.63
N LYS A 15 5.88 -3.13 -5.55
CA LYS A 15 6.90 -3.67 -4.69
C LYS A 15 6.54 -3.60 -3.21
N LEU A 16 6.03 -2.44 -2.74
CA LEU A 16 5.58 -2.27 -1.38
C LEU A 16 4.30 -3.04 -1.09
N PHE A 17 3.31 -3.06 -1.99
CA PHE A 17 2.02 -3.67 -1.76
C PHE A 17 2.10 -5.14 -1.46
N LEU A 19 4.74 -6.75 -0.44
CA LEU A 19 5.48 -6.86 0.80
C LEU A 19 4.64 -6.54 2.03
N VAL A 20 3.90 -5.41 2.00
CA VAL A 20 3.01 -4.94 3.06
C VAL A 20 1.83 -5.87 3.26
N THR A 21 1.21 -6.38 2.18
CA THR A 21 0.16 -7.37 2.32
C THR A 21 0.06 -8.30 1.12
N LYS A 22 -0.36 -9.56 1.35
CA LYS A 22 -0.26 -10.62 0.37
C LYS A 22 -1.36 -10.61 -0.68
N LYS A 23 -1.51 -9.51 -1.44
CA LYS A 23 -2.45 -9.45 -2.54
C LYS A 23 -1.78 -9.84 -3.85
N PHE A 1 -9.02 5.44 9.36
CA PHE A 1 -7.92 5.02 10.18
C PHE A 1 -6.65 5.69 9.70
N LEU A 2 -6.26 5.40 8.45
CA LEU A 2 -5.23 6.13 7.77
C LEU A 2 -5.95 6.89 6.68
N PRO A 3 -5.40 7.95 6.13
CA PRO A 3 -5.87 8.48 4.88
C PRO A 3 -5.22 7.72 3.74
N ILE A 4 -5.17 8.32 2.55
CA ILE A 4 -4.66 7.76 1.32
C ILE A 4 -3.29 7.11 1.35
N LEU A 5 -2.40 7.51 2.26
CA LEU A 5 -1.01 7.07 2.36
C LEU A 5 -0.80 5.56 2.41
N ALA A 6 -1.65 4.80 3.14
CA ALA A 6 -1.63 3.35 3.12
C ALA A 6 -1.94 2.78 1.73
N SER A 7 -2.95 3.33 1.05
CA SER A 7 -3.30 3.01 -0.32
C SER A 7 -2.26 3.46 -1.33
N LEU A 8 -1.57 4.59 -1.10
CA LEU A 8 -0.46 5.02 -1.92
C LEU A 8 0.73 4.11 -1.84
N ALA A 9 1.06 3.59 -0.63
CA ALA A 9 2.06 2.56 -0.47
C ALA A 9 1.69 1.31 -1.25
N ALA A 10 0.43 0.88 -1.16
CA ALA A 10 -0.11 -0.19 -1.96
C ALA A 10 -0.11 0.04 -3.48
N LYS A 11 -0.53 1.21 -3.97
CA LYS A 11 -0.53 1.48 -5.40
C LYS A 11 0.82 1.74 -6.00
N PHE A 12 1.64 2.62 -5.39
CA PHE A 12 2.85 3.09 -6.04
C PHE A 12 4.05 2.32 -5.60
N GLY A 13 3.87 1.48 -4.57
CA GLY A 13 4.75 0.37 -4.34
C GLY A 13 4.09 -0.89 -4.78
N PRO A 14 4.24 -1.42 -5.99
CA PRO A 14 3.94 -2.83 -6.26
C PRO A 14 4.89 -3.70 -5.47
N LYS A 15 6.11 -3.19 -5.18
CA LYS A 15 6.98 -3.74 -4.17
C LYS A 15 6.38 -3.69 -2.77
N LEU A 16 5.83 -2.52 -2.38
CA LEU A 16 5.23 -2.34 -1.08
C LEU A 16 3.94 -3.09 -0.87
N PHE A 17 3.01 -3.14 -1.86
CA PHE A 17 1.76 -3.89 -1.71
C PHE A 17 1.96 -5.38 -1.52
N LEU A 19 4.85 -6.50 -0.13
CA LEU A 19 5.41 -6.52 1.21
C LEU A 19 4.40 -6.34 2.35
N VAL A 20 3.48 -5.35 2.25
CA VAL A 20 2.62 -4.95 3.36
C VAL A 20 1.25 -5.59 3.27
N THR A 21 0.99 -6.42 2.25
CA THR A 21 -0.28 -7.12 2.14
C THR A 21 -0.05 -8.35 1.28
N LYS A 22 -0.84 -9.44 1.43
CA LYS A 22 -0.75 -10.54 0.49
C LYS A 22 -1.39 -10.27 -0.87
N LYS A 23 -0.79 -9.35 -1.65
CA LYS A 23 -1.11 -9.08 -3.04
C LYS A 23 0.09 -9.41 -3.89
N PHE A 1 -2.18 11.80 8.04
CA PHE A 1 -3.58 11.67 8.29
C PHE A 1 -4.36 11.95 7.02
N LEU A 2 -4.73 10.91 6.24
CA LEU A 2 -5.50 11.15 5.03
C LEU A 2 -6.11 9.84 4.55
N PRO A 3 -7.36 9.73 4.11
CA PRO A 3 -7.92 8.45 3.66
C PRO A 3 -7.28 7.97 2.37
N ILE A 4 -6.98 8.88 1.42
CA ILE A 4 -6.24 8.62 0.19
C ILE A 4 -4.87 7.96 0.36
N LEU A 5 -4.25 7.98 1.57
CA LEU A 5 -3.01 7.29 1.87
C LEU A 5 -2.97 5.82 1.49
N ALA A 6 -4.13 5.13 1.58
CA ALA A 6 -4.28 3.77 1.12
C ALA A 6 -3.95 3.63 -0.37
N SER A 7 -4.36 4.62 -1.19
CA SER A 7 -3.96 4.72 -2.58
C SER A 7 -2.50 4.97 -2.79
N LEU A 8 -1.82 5.75 -1.93
CA LEU A 8 -0.39 5.95 -2.04
C LEU A 8 0.39 4.67 -1.84
N ALA A 9 0.05 3.87 -0.83
CA ALA A 9 0.68 2.57 -0.62
C ALA A 9 0.20 1.51 -1.60
N ALA A 10 -0.98 1.65 -2.22
CA ALA A 10 -1.44 0.72 -3.22
C ALA A 10 -0.91 1.01 -4.63
N LYS A 11 -0.66 2.30 -4.97
CA LYS A 11 -0.22 2.70 -6.29
C LYS A 11 1.29 2.88 -6.34
N PHE A 12 1.92 3.30 -5.22
CA PHE A 12 3.35 3.47 -5.14
C PHE A 12 3.98 2.41 -4.25
N GLY A 13 3.20 1.39 -3.82
CA GLY A 13 3.72 0.31 -3.00
C GLY A 13 3.17 -1.07 -3.30
N PRO A 14 3.08 -1.56 -4.54
CA PRO A 14 2.42 -2.83 -4.86
C PRO A 14 3.10 -4.02 -4.21
N LYS A 15 4.40 -3.92 -3.84
CA LYS A 15 5.10 -4.97 -3.14
C LYS A 15 4.48 -5.28 -1.80
N LEU A 16 4.18 -4.24 -0.99
CA LEU A 16 3.59 -4.44 0.32
C LEU A 16 2.23 -5.07 0.22
N PHE A 17 1.43 -4.62 -0.77
CA PHE A 17 0.13 -5.18 -1.07
C PHE A 17 0.18 -6.66 -1.49
N LEU A 19 2.74 -8.81 -0.77
CA LEU A 19 3.27 -9.59 0.36
C LEU A 19 2.26 -9.70 1.49
N VAL A 20 1.61 -8.57 1.91
CA VAL A 20 0.69 -8.54 3.06
C VAL A 20 -0.50 -9.46 2.85
N THR A 21 -1.15 -9.37 1.68
CA THR A 21 -2.27 -10.26 1.39
C THR A 21 -1.83 -11.47 0.60
N LYS A 22 -0.50 -11.66 0.38
CA LYS A 22 0.11 -12.78 -0.33
C LYS A 22 -0.54 -13.03 -1.71
N LYS A 23 -0.60 -12.00 -2.56
CA LYS A 23 -1.27 -12.03 -3.85
C LYS A 23 -0.23 -11.78 -4.94
#